data_5FBI
#
_entry.id   5FBI
#
_cell.length_a   55.067
_cell.length_b   50.655
_cell.length_c   39.326
_cell.angle_alpha   90.00
_cell.angle_beta   105.35
_cell.angle_gamma   90.00
#
_symmetry.space_group_name_H-M   'P 1 21 1'
#
loop_
_entity.id
_entity.type
_entity.pdbx_description
1 polymer 'Complement factor D'
2 non-polymer GLYCEROL
3 non-polymer '3-[(2-aminocarbonyl-1~{H}-indol-5-yl)oxymethyl]benzoic acid'
4 water water
#
_entity_poly.entity_id   1
_entity_poly.type   'polypeptide(L)'
_entity_poly.pdbx_seq_one_letter_code
;ILGGREAEAHARPYMASVQLNGAHLCGGVLVAEQWVLSAAHCLEDAADGKVQVLLGAHSLSQPEPSKRLYDVLRAVPHPD
SQPDTIDHDLLLLQLSEKATLGPAVRPLPWQRVDRDVAPGTLCDVAGWGIVNHAGRRPDSLQHVLLPVLDRATCNRRTHH
DGAITERLMCAESNRRDSCKGDSGGPLVCGGVLEGVVTSGSRVCGNRKKPGIYTRVASYAAWIDSVLASAAA
;
_entity_poly.pdbx_strand_id   A
#
loop_
_chem_comp.id
_chem_comp.type
_chem_comp.name
_chem_comp.formula
5WD non-polymer '3-[(2-aminocarbonyl-1~{H}-indol-5-yl)oxymethyl]benzoic acid' 'C17 H14 N2 O4'
GOL non-polymer GLYCEROL 'C3 H8 O3'
#
# COMPACT_ATOMS: atom_id res chain seq x y z
N ILE A 1 1.93 -8.15 -7.71
CA ILE A 1 2.49 -9.12 -6.76
C ILE A 1 3.16 -10.23 -7.57
N LEU A 2 4.41 -10.56 -7.23
CA LEU A 2 5.15 -11.65 -7.86
C LEU A 2 5.10 -12.82 -6.94
N GLY A 3 4.94 -14.00 -7.51
CA GLY A 3 4.96 -15.24 -6.72
C GLY A 3 3.87 -15.41 -5.69
N GLY A 4 2.76 -14.70 -5.86
CA GLY A 4 1.65 -14.83 -4.94
C GLY A 4 0.55 -15.70 -5.49
N ARG A 5 -0.67 -15.50 -5.01
CA ARG A 5 -1.87 -16.24 -5.41
C ARG A 5 -3.03 -15.28 -5.45
N GLU A 6 -4.08 -15.65 -6.19
CA GLU A 6 -5.28 -14.85 -6.24
C GLU A 6 -5.85 -14.79 -4.83
N ALA A 7 -6.21 -13.57 -4.37
CA ALA A 7 -6.78 -13.42 -3.04
C ALA A 7 -8.23 -13.92 -2.99
N GLU A 8 -8.69 -14.26 -1.78
CA GLU A 8 -10.09 -14.67 -1.55
C GLU A 8 -10.90 -13.39 -1.73
N ALA A 9 -11.82 -13.39 -2.70
CA ALA A 9 -12.64 -12.23 -3.01
C ALA A 9 -13.28 -11.59 -1.76
N HIS A 10 -13.02 -10.28 -1.55
CA HIS A 10 -13.62 -9.46 -0.49
C HIS A 10 -13.19 -9.83 0.94
N ALA A 11 -12.15 -10.68 1.12
CA ALA A 11 -11.64 -11.07 2.44
C ALA A 11 -10.76 -9.97 3.06
N ARG A 12 -10.41 -8.95 2.25
CA ARG A 12 -9.60 -7.79 2.73
C ARG A 12 -10.44 -6.56 2.40
N PRO A 13 -11.45 -6.26 3.21
CA PRO A 13 -12.43 -5.20 2.86
C PRO A 13 -11.87 -3.79 2.89
N TYR A 14 -10.63 -3.66 3.41
CA TYR A 14 -9.93 -2.38 3.46
C TYR A 14 -9.16 -2.09 2.17
N MET A 15 -9.03 -3.05 1.27
N MET A 15 -9.10 -3.04 1.24
CA MET A 15 -8.20 -2.90 0.08
CA MET A 15 -8.32 -2.85 0.03
C MET A 15 -8.80 -1.96 -0.94
C MET A 15 -8.89 -1.80 -0.83
N ALA A 16 -8.02 -0.93 -1.33
CA ALA A 16 -8.47 0.07 -2.29
C ALA A 16 -7.62 0.02 -3.55
N SER A 17 -8.23 0.32 -4.71
CA SER A 17 -7.50 0.52 -5.95
C SER A 17 -7.54 2.02 -6.19
N VAL A 18 -6.37 2.67 -6.19
CA VAL A 18 -6.28 4.10 -6.52
C VAL A 18 -6.15 4.14 -8.03
N GLN A 19 -7.08 4.84 -8.67
CA GLN A 19 -7.19 4.88 -10.13
C GLN A 19 -6.93 6.25 -10.72
N LEU A 20 -6.34 6.24 -11.92
CA LEU A 20 -6.07 7.47 -12.65
C LEU A 20 -6.70 7.31 -14.01
N ASN A 21 -7.64 8.22 -14.33
CA ASN A 21 -8.38 8.18 -15.60
C ASN A 21 -9.03 6.80 -15.86
N GLY A 22 -9.57 6.20 -14.80
CA GLY A 22 -10.26 4.92 -14.88
C GLY A 22 -9.45 3.64 -14.92
N ALA A 23 -8.11 3.73 -14.76
CA ALA A 23 -7.28 2.53 -14.72
C ALA A 23 -6.55 2.44 -13.36
N HIS A 24 -6.33 1.23 -12.90
CA HIS A 24 -5.61 1.01 -11.66
C HIS A 24 -4.22 1.64 -11.79
N LEU A 25 -3.82 2.37 -10.77
CA LEU A 25 -2.52 2.98 -10.71
C LEU A 25 -1.73 2.42 -9.51
N CYS A 26 -2.33 2.47 -8.31
CA CYS A 26 -1.66 2.08 -7.07
C CYS A 26 -2.61 1.39 -6.17
N GLY A 27 -2.08 0.68 -5.19
CA GLY A 27 -2.89 0.19 -4.09
C GLY A 27 -3.15 1.30 -3.09
N GLY A 28 -4.08 1.03 -2.18
CA GLY A 28 -4.37 1.93 -1.07
C GLY A 28 -5.06 1.14 0.01
N VAL A 29 -5.26 1.77 1.17
N VAL A 29 -5.28 1.81 1.16
CA VAL A 29 -5.91 1.07 2.28
CA VAL A 29 -5.87 1.20 2.35
C VAL A 29 -6.86 2.03 2.97
C VAL A 29 -6.91 2.11 2.93
N LEU A 30 -8.14 1.60 3.12
CA LEU A 30 -9.16 2.40 3.80
C LEU A 30 -8.83 2.44 5.29
N VAL A 31 -8.52 3.62 5.83
CA VAL A 31 -8.11 3.77 7.25
C VAL A 31 -9.13 4.49 8.09
N ALA A 32 -10.11 5.12 7.44
CA ALA A 32 -11.23 5.76 8.14
C ALA A 32 -12.38 5.77 7.14
N GLU A 33 -13.58 6.18 7.57
CA GLU A 33 -14.72 6.13 6.66
C GLU A 33 -14.52 6.94 5.38
N GLN A 34 -13.79 8.05 5.47
CA GLN A 34 -13.60 8.95 4.34
C GLN A 34 -12.17 9.07 3.87
N TRP A 35 -11.28 8.17 4.32
CA TRP A 35 -9.87 8.34 4.03
C TRP A 35 -9.19 7.08 3.62
N VAL A 36 -8.42 7.19 2.53
CA VAL A 36 -7.60 6.09 2.00
C VAL A 36 -6.14 6.51 2.08
N LEU A 37 -5.30 5.64 2.62
CA LEU A 37 -3.87 5.87 2.71
C LEU A 37 -3.17 5.14 1.55
N SER A 38 -2.25 5.83 0.89
CA SER A 38 -1.52 5.27 -0.23
C SER A 38 -0.10 5.87 -0.23
N ALA A 39 0.61 5.82 -1.38
CA ALA A 39 1.98 6.33 -1.49
C ALA A 39 2.03 7.63 -2.26
N ALA A 40 2.88 8.57 -1.81
CA ALA A 40 2.99 9.88 -2.40
C ALA A 40 3.44 9.84 -3.86
N HIS A 41 4.39 8.97 -4.25
CA HIS A 41 4.86 8.92 -5.65
C HIS A 41 3.79 8.49 -6.63
N CYS A 42 2.67 7.91 -6.13
CA CYS A 42 1.55 7.56 -7.01
C CYS A 42 0.95 8.82 -7.64
N LEU A 43 0.96 9.93 -6.90
CA LEU A 43 0.40 11.22 -7.32
C LEU A 43 1.31 11.99 -8.28
N GLU A 44 2.60 11.59 -8.40
CA GLU A 44 3.56 12.28 -9.27
C GLU A 44 3.14 12.31 -10.73
N ASP A 45 3.20 13.53 -11.32
CA ASP A 45 2.83 13.84 -12.71
C ASP A 45 1.36 13.50 -13.04
N ALA A 46 0.52 13.23 -12.01
CA ALA A 46 -0.89 12.91 -12.20
C ALA A 46 -1.79 14.15 -12.24
N ALA A 47 -1.18 15.36 -12.09
CA ALA A 47 -1.85 16.67 -12.12
C ALA A 47 -2.76 16.78 -13.34
N ASP A 48 -4.01 17.26 -13.13
CA ASP A 48 -5.08 17.40 -14.13
C ASP A 48 -5.85 16.08 -14.28
N GLY A 49 -5.11 14.95 -14.33
CA GLY A 49 -5.64 13.58 -14.44
C GLY A 49 -6.60 13.28 -13.31
N LYS A 50 -7.66 12.49 -13.58
CA LYS A 50 -8.70 12.25 -12.59
C LYS A 50 -8.36 11.07 -11.68
N VAL A 51 -8.27 11.35 -10.39
CA VAL A 51 -7.96 10.33 -9.37
C VAL A 51 -9.25 9.89 -8.71
N GLN A 52 -9.45 8.57 -8.63
CA GLN A 52 -10.62 8.02 -7.98
C GLN A 52 -10.16 6.83 -7.14
N VAL A 53 -11.04 6.36 -6.27
CA VAL A 53 -10.71 5.19 -5.43
C VAL A 53 -11.82 4.19 -5.57
N LEU A 54 -11.43 2.96 -5.94
CA LEU A 54 -12.37 1.86 -6.06
C LEU A 54 -12.30 1.02 -4.79
N LEU A 55 -13.45 0.93 -4.09
CA LEU A 55 -13.57 0.14 -2.87
C LEU A 55 -14.50 -1.05 -3.13
N GLY A 56 -14.37 -2.07 -2.28
CA GLY A 56 -15.22 -3.26 -2.37
C GLY A 56 -14.95 -4.16 -3.55
N ALA A 57 -13.80 -4.01 -4.19
CA ALA A 57 -13.47 -4.74 -5.40
C ALA A 57 -12.69 -5.99 -5.21
N HIS A 58 -12.89 -6.94 -6.14
CA HIS A 58 -12.01 -8.07 -6.31
C HIS A 58 -11.48 -7.97 -7.73
N SER A 59 -12.40 -8.02 -8.71
CA SER A 59 -12.09 -7.83 -10.10
C SER A 59 -12.07 -6.32 -10.39
N LEU A 60 -11.10 -5.88 -11.18
CA LEU A 60 -11.07 -4.48 -11.59
C LEU A 60 -12.09 -4.21 -12.68
N SER A 61 -12.37 -5.20 -13.53
CA SER A 61 -13.21 -4.95 -14.70
C SER A 61 -14.65 -5.40 -14.61
N GLN A 62 -14.94 -6.40 -13.78
CA GLN A 62 -16.26 -7.00 -13.73
C GLN A 62 -17.21 -6.41 -12.69
N PRO A 63 -18.53 -6.41 -12.96
CA PRO A 63 -19.48 -5.86 -11.97
C PRO A 63 -19.58 -6.75 -10.74
N GLU A 64 -19.61 -6.12 -9.57
CA GLU A 64 -19.73 -6.77 -8.27
C GLU A 64 -20.63 -5.88 -7.42
N PRO A 65 -21.62 -6.46 -6.71
CA PRO A 65 -22.54 -5.62 -5.93
C PRO A 65 -21.88 -4.68 -4.93
N SER A 66 -20.71 -5.09 -4.35
CA SER A 66 -20.01 -4.28 -3.35
C SER A 66 -19.09 -3.21 -3.93
N LYS A 67 -18.81 -3.25 -5.24
CA LYS A 67 -17.90 -2.28 -5.88
C LYS A 67 -18.46 -0.90 -5.94
N ARG A 68 -17.67 0.08 -5.52
CA ARG A 68 -18.09 1.46 -5.63
C ARG A 68 -16.89 2.32 -5.87
N LEU A 69 -17.01 3.17 -6.88
CA LEU A 69 -15.99 4.10 -7.28
C LEU A 69 -16.27 5.43 -6.66
N TYR A 70 -15.30 5.93 -5.91
CA TYR A 70 -15.43 7.20 -5.20
C TYR A 70 -14.53 8.22 -5.82
N ASP A 71 -15.06 9.43 -5.91
CA ASP A 71 -14.27 10.55 -6.33
C ASP A 71 -13.45 11.02 -5.12
N VAL A 72 -12.44 11.84 -5.37
CA VAL A 72 -11.52 12.33 -4.34
C VAL A 72 -11.71 13.83 -4.15
N LEU A 73 -11.99 14.25 -2.93
CA LEU A 73 -12.15 15.67 -2.56
C LEU A 73 -10.78 16.34 -2.39
N ARG A 74 -9.83 15.67 -1.69
CA ARG A 74 -8.48 16.19 -1.42
C ARG A 74 -7.46 15.05 -1.54
N ALA A 75 -6.32 15.35 -2.13
CA ALA A 75 -5.16 14.45 -2.17
C ALA A 75 -4.09 15.16 -1.37
N VAL A 76 -3.64 14.54 -0.26
CA VAL A 76 -2.67 15.14 0.68
C VAL A 76 -1.39 14.31 0.77
N PRO A 77 -0.36 14.67 -0.02
CA PRO A 77 0.92 13.97 0.09
C PRO A 77 1.65 14.45 1.34
N HIS A 78 2.48 13.59 1.90
CA HIS A 78 3.27 13.99 3.06
C HIS A 78 4.15 15.21 2.65
N PRO A 79 4.18 16.28 3.47
CA PRO A 79 4.91 17.52 3.06
C PRO A 79 6.41 17.33 2.86
N ASP A 80 7.01 16.31 3.47
CA ASP A 80 8.43 16.08 3.32
C ASP A 80 8.79 15.08 2.20
N SER A 81 7.77 14.55 1.48
CA SER A 81 8.05 13.65 0.37
C SER A 81 8.70 14.43 -0.78
N GLN A 82 9.59 13.75 -1.53
CA GLN A 82 10.38 14.31 -2.64
C GLN A 82 10.42 13.31 -3.79
N PRO A 83 10.44 13.78 -5.07
CA PRO A 83 10.46 12.83 -6.20
C PRO A 83 11.64 11.85 -6.23
N ASP A 84 12.85 12.27 -5.78
CA ASP A 84 14.01 11.38 -5.85
C ASP A 84 14.38 10.66 -4.52
N THR A 85 13.40 10.50 -3.59
CA THR A 85 13.69 9.76 -2.36
C THR A 85 12.56 8.78 -2.07
N ILE A 86 12.82 7.81 -1.20
CA ILE A 86 11.85 6.82 -0.76
C ILE A 86 11.25 7.25 0.61
N ASP A 87 11.73 8.36 1.16
CA ASP A 87 11.33 8.82 2.49
C ASP A 87 9.98 9.53 2.51
N HIS A 88 9.24 9.32 3.59
CA HIS A 88 7.94 9.98 3.80
C HIS A 88 6.97 9.77 2.64
N ASP A 89 6.98 8.54 2.11
CA ASP A 89 6.24 8.24 0.89
C ASP A 89 4.79 7.86 1.16
N LEU A 90 4.07 8.81 1.78
CA LEU A 90 2.67 8.57 2.12
C LEU A 90 1.77 9.60 1.52
N LEU A 91 0.53 9.20 1.25
CA LEU A 91 -0.50 10.03 0.62
C LEU A 91 -1.83 9.73 1.27
N LEU A 92 -2.58 10.76 1.66
CA LEU A 92 -3.91 10.54 2.16
C LEU A 92 -4.93 11.09 1.18
N LEU A 93 -5.88 10.27 0.81
CA LEU A 93 -6.94 10.65 -0.11
C LEU A 93 -8.25 10.74 0.63
N GLN A 94 -8.86 11.95 0.62
CA GLN A 94 -10.15 12.17 1.25
C GLN A 94 -11.20 11.89 0.19
N LEU A 95 -12.03 10.89 0.44
CA LEU A 95 -13.08 10.56 -0.51
C LEU A 95 -14.14 11.68 -0.54
N SER A 96 -14.88 11.75 -1.66
N SER A 96 -14.86 11.81 -1.64
CA SER A 96 -15.95 12.73 -1.89
CA SER A 96 -15.86 12.88 -1.71
C SER A 96 -17.06 12.68 -0.84
C SER A 96 -16.97 12.74 -0.65
N GLU A 97 -17.24 11.51 -0.20
CA GLU A 97 -18.20 11.27 0.88
C GLU A 97 -17.69 10.08 1.65
N LYS A 98 -18.25 9.87 2.84
CA LYS A 98 -17.92 8.70 3.63
C LYS A 98 -18.31 7.46 2.86
N ALA A 99 -17.44 6.45 2.88
CA ALA A 99 -17.70 5.21 2.16
C ALA A 99 -18.88 4.47 2.82
N THR A 100 -19.67 3.79 2.00
CA THR A 100 -20.72 2.91 2.49
C THR A 100 -20.01 1.66 2.99
N LEU A 101 -20.10 1.42 4.28
CA LEU A 101 -19.44 0.26 4.89
C LEU A 101 -20.33 -0.95 4.88
N GLY A 102 -19.70 -2.11 4.91
CA GLY A 102 -20.38 -3.40 4.90
C GLY A 102 -19.39 -4.55 4.97
N PRO A 103 -19.83 -5.81 4.84
CA PRO A 103 -18.86 -6.92 4.88
C PRO A 103 -17.68 -6.83 3.87
N ALA A 104 -17.85 -6.14 2.72
CA ALA A 104 -16.79 -6.00 1.71
C ALA A 104 -16.03 -4.68 1.72
N VAL A 105 -16.44 -3.71 2.55
CA VAL A 105 -15.85 -2.37 2.64
C VAL A 105 -15.77 -1.98 4.09
N ARG A 106 -14.57 -1.98 4.68
CA ARG A 106 -14.41 -1.66 6.09
C ARG A 106 -12.98 -1.14 6.33
N PRO A 107 -12.80 -0.10 7.15
CA PRO A 107 -11.44 0.36 7.44
C PRO A 107 -10.64 -0.67 8.23
N LEU A 108 -9.32 -0.63 8.11
CA LEU A 108 -8.45 -1.54 8.82
C LEU A 108 -7.83 -0.79 9.98
N PRO A 109 -7.79 -1.42 11.18
CA PRO A 109 -7.02 -0.83 12.29
C PRO A 109 -5.56 -0.72 11.92
N TRP A 110 -4.94 0.36 12.37
CA TRP A 110 -3.57 0.61 11.99
C TRP A 110 -2.70 0.89 13.20
N GLN A 111 -1.44 0.54 13.09
CA GLN A 111 -0.51 0.60 14.20
C GLN A 111 -0.14 2.00 14.62
N ARG A 112 -0.39 2.31 15.90
N ARG A 112 -0.45 2.34 15.90
CA ARG A 112 -0.09 3.63 16.43
CA ARG A 112 -0.12 3.66 16.43
C ARG A 112 1.10 3.62 17.37
C ARG A 112 1.08 3.62 17.40
N VAL A 113 1.50 2.45 17.87
CA VAL A 113 2.63 2.32 18.78
C VAL A 113 3.89 2.18 17.94
N ASP A 114 4.82 3.11 18.13
CA ASP A 114 6.02 3.12 17.32
C ASP A 114 7.08 2.15 17.87
N ARG A 115 6.88 0.87 17.57
CA ARG A 115 7.82 -0.22 17.87
C ARG A 115 7.88 -1.09 16.64
N ASP A 116 9.07 -1.57 16.34
CA ASP A 116 9.28 -2.38 15.14
C ASP A 116 8.55 -3.67 15.18
N VAL A 117 8.12 -4.14 14.01
CA VAL A 117 7.57 -5.48 13.89
C VAL A 117 8.77 -6.45 14.02
N ALA A 118 8.58 -7.54 14.78
CA ALA A 118 9.68 -8.49 14.96
C ALA A 118 10.12 -9.17 13.66
N PRO A 119 11.44 -9.30 13.43
CA PRO A 119 11.90 -10.08 12.26
C PRO A 119 11.31 -11.49 12.27
N GLY A 120 10.93 -11.94 11.09
CA GLY A 120 10.34 -13.25 10.92
C GLY A 120 8.84 -13.24 10.97
N THR A 121 8.22 -12.12 11.44
CA THR A 121 6.75 -12.03 11.49
C THR A 121 6.19 -12.15 10.09
N LEU A 122 5.15 -12.99 9.92
CA LEU A 122 4.58 -13.19 8.60
C LEU A 122 3.51 -12.14 8.37
N CYS A 123 3.70 -11.33 7.33
CA CYS A 123 2.76 -10.25 7.02
C CYS A 123 2.20 -10.42 5.63
N ASP A 124 1.02 -9.89 5.43
CA ASP A 124 0.33 -10.06 4.16
C ASP A 124 0.33 -8.79 3.35
N VAL A 125 0.67 -8.88 2.06
N VAL A 125 0.70 -8.88 2.08
CA VAL A 125 0.63 -7.76 1.14
CA VAL A 125 0.69 -7.76 1.14
C VAL A 125 -0.22 -8.12 -0.07
C VAL A 125 -0.34 -8.16 0.07
N ALA A 126 -1.15 -7.22 -0.42
CA ALA A 126 -2.10 -7.50 -1.49
C ALA A 126 -2.04 -6.37 -2.51
N GLY A 127 -2.38 -6.68 -3.76
CA GLY A 127 -2.42 -5.67 -4.78
C GLY A 127 -2.78 -6.20 -6.16
N TRP A 128 -2.95 -5.25 -7.06
CA TRP A 128 -3.26 -5.50 -8.47
C TRP A 128 -2.05 -5.18 -9.34
N GLY A 129 -0.85 -5.15 -8.72
CA GLY A 129 0.38 -4.88 -9.46
C GLY A 129 0.78 -5.98 -10.41
N ILE A 130 1.86 -5.76 -11.17
CA ILE A 130 2.28 -6.73 -12.16
C ILE A 130 2.64 -8.06 -11.54
N VAL A 131 2.43 -9.14 -12.32
CA VAL A 131 2.66 -10.50 -11.81
C VAL A 131 3.84 -11.21 -12.47
N ASN A 132 4.51 -10.58 -13.47
CA ASN A 132 5.69 -11.19 -14.10
C ASN A 132 6.59 -10.09 -14.69
N HIS A 133 7.78 -10.48 -15.16
CA HIS A 133 8.70 -9.52 -15.73
C HIS A 133 8.23 -8.88 -17.02
N ALA A 134 7.30 -9.53 -17.75
CA ALA A 134 6.74 -8.93 -18.98
C ALA A 134 5.76 -7.78 -18.66
N GLY A 135 5.31 -7.69 -17.40
CA GLY A 135 4.38 -6.66 -16.95
C GLY A 135 2.92 -7.04 -17.01
N ARG A 136 2.59 -8.35 -17.02
CA ARG A 136 1.19 -8.78 -17.05
C ARG A 136 0.46 -8.20 -15.82
N ARG A 137 -0.71 -7.59 -16.05
CA ARG A 137 -1.53 -7.00 -14.99
C ARG A 137 -2.71 -7.96 -14.73
N PRO A 138 -2.89 -8.38 -13.48
CA PRO A 138 -4.02 -9.25 -13.15
C PRO A 138 -5.35 -8.48 -13.09
N ASP A 139 -6.45 -9.13 -13.44
CA ASP A 139 -7.74 -8.49 -13.28
C ASP A 139 -8.17 -8.57 -11.79
N SER A 140 -7.78 -9.62 -11.06
CA SER A 140 -8.22 -9.80 -9.70
C SER A 140 -7.10 -9.61 -8.69
N LEU A 141 -7.52 -9.25 -7.48
CA LEU A 141 -6.58 -8.95 -6.41
C LEU A 141 -5.71 -10.17 -6.11
N GLN A 142 -4.41 -9.95 -5.95
CA GLN A 142 -3.43 -10.98 -5.61
C GLN A 142 -2.86 -10.69 -4.24
N HIS A 143 -2.26 -11.68 -3.61
CA HIS A 143 -1.60 -11.42 -2.35
C HIS A 143 -0.45 -12.36 -2.13
N VAL A 144 0.40 -12.03 -1.18
CA VAL A 144 1.53 -12.89 -0.80
C VAL A 144 1.84 -12.68 0.68
N LEU A 145 2.26 -13.77 1.38
CA LEU A 145 2.65 -13.73 2.79
C LEU A 145 4.15 -13.67 2.79
N LEU A 146 4.69 -12.63 3.45
CA LEU A 146 6.11 -12.34 3.45
C LEU A 146 6.63 -12.19 4.87
N PRO A 147 7.80 -12.76 5.17
CA PRO A 147 8.37 -12.54 6.51
C PRO A 147 9.11 -11.21 6.57
N VAL A 148 8.99 -10.54 7.72
CA VAL A 148 9.68 -9.28 7.96
C VAL A 148 11.18 -9.56 8.10
N LEU A 149 12.00 -8.76 7.45
CA LEU A 149 13.46 -8.84 7.46
C LEU A 149 13.97 -7.79 8.42
N ASP A 150 14.90 -8.17 9.33
CA ASP A 150 15.51 -7.22 10.25
C ASP A 150 16.22 -6.06 9.51
N ARG A 151 16.11 -4.86 10.06
CA ARG A 151 16.60 -3.65 9.40
C ARG A 151 18.10 -3.67 9.14
N ALA A 152 18.89 -4.21 10.07
CA ALA A 152 20.36 -4.29 9.88
C ALA A 152 20.70 -5.13 8.64
N THR A 153 20.04 -6.29 8.44
CA THR A 153 20.33 -7.08 7.25
C THR A 153 19.88 -6.28 6.02
N CYS A 154 18.69 -5.64 6.11
CA CYS A 154 18.18 -4.89 4.98
C CYS A 154 19.10 -3.74 4.54
N ASN A 155 19.80 -3.14 5.49
CA ASN A 155 20.73 -2.05 5.27
C ASN A 155 22.13 -2.47 4.81
N ARG A 156 22.43 -3.77 4.74
CA ARG A 156 23.76 -4.24 4.29
C ARG A 156 24.10 -3.70 2.90
N ARG A 157 25.41 -3.51 2.61
CA ARG A 157 25.90 -3.01 1.33
C ARG A 157 25.29 -3.75 0.12
N THR A 158 25.18 -5.10 0.22
CA THR A 158 24.61 -5.99 -0.80
C THR A 158 23.08 -5.84 -0.94
N HIS A 159 22.44 -5.22 0.07
CA HIS A 159 20.99 -5.03 0.02
C HIS A 159 20.64 -3.57 -0.23
N HIS A 160 20.09 -2.85 0.75
CA HIS A 160 19.71 -1.47 0.52
C HIS A 160 20.69 -0.44 1.05
N ASP A 161 21.92 -0.89 1.43
CA ASP A 161 23.08 -0.06 1.75
C ASP A 161 22.76 1.26 2.51
N GLY A 162 22.22 1.11 3.70
CA GLY A 162 21.94 2.23 4.60
C GLY A 162 20.72 3.08 4.34
N ALA A 163 19.90 2.75 3.33
CA ALA A 163 18.74 3.58 2.99
C ALA A 163 17.54 3.34 3.91
N ILE A 164 17.59 2.26 4.69
CA ILE A 164 16.44 1.90 5.52
C ILE A 164 16.49 2.59 6.85
N THR A 165 15.72 3.70 6.99
CA THR A 165 15.67 4.45 8.23
C THR A 165 14.78 3.76 9.24
N GLU A 166 14.71 4.31 10.46
CA GLU A 166 13.80 3.81 11.47
C GLU A 166 12.34 3.97 11.05
N ARG A 167 12.04 4.78 10.03
CA ARG A 167 10.65 5.00 9.56
C ARG A 167 10.24 4.01 8.49
N LEU A 168 11.17 3.13 8.07
CA LEU A 168 10.97 2.13 7.04
C LEU A 168 11.14 0.73 7.59
N MET A 169 10.53 -0.25 6.92
CA MET A 169 10.71 -1.65 7.28
C MET A 169 10.92 -2.46 5.99
N CYS A 170 11.41 -3.68 6.14
CA CYS A 170 11.69 -4.55 5.01
C CYS A 170 11.04 -5.87 5.16
N ALA A 171 10.75 -6.50 4.02
CA ALA A 171 10.27 -7.87 4.03
C ALA A 171 11.03 -8.63 2.96
N GLU A 172 11.11 -9.95 3.13
CA GLU A 172 11.83 -10.79 2.19
C GLU A 172 11.22 -10.69 0.81
N SER A 173 12.07 -10.81 -0.20
CA SER A 173 11.70 -10.66 -1.59
C SER A 173 12.19 -11.87 -2.38
N ASN A 174 12.25 -13.07 -1.77
CA ASN A 174 12.73 -14.27 -2.45
C ASN A 174 11.63 -14.97 -3.25
N ARG A 175 11.54 -14.61 -4.53
CA ARG A 175 10.58 -15.13 -5.52
C ARG A 175 9.14 -14.70 -5.24
N ARG A 176 8.87 -14.18 -4.02
CA ARG A 176 7.57 -13.71 -3.53
C ARG A 176 7.79 -12.25 -3.14
N ASP A 177 7.01 -11.31 -3.70
CA ASP A 177 7.27 -9.88 -3.47
C ASP A 177 6.15 -8.97 -3.97
N SER A 178 6.20 -7.69 -3.54
CA SER A 178 5.33 -6.67 -4.11
C SER A 178 6.08 -6.13 -5.34
N CYS A 179 5.37 -5.49 -6.28
CA CYS A 179 5.95 -5.00 -7.51
C CYS A 179 5.23 -3.76 -8.03
N LYS A 180 5.54 -3.30 -9.25
CA LYS A 180 4.93 -2.13 -9.87
C LYS A 180 3.42 -2.27 -9.86
N GLY A 181 2.74 -1.22 -9.37
CA GLY A 181 1.28 -1.28 -9.27
C GLY A 181 0.79 -1.68 -7.90
N ASP A 182 1.68 -2.23 -7.04
CA ASP A 182 1.35 -2.60 -5.66
C ASP A 182 1.71 -1.46 -4.72
N SER A 183 2.48 -0.49 -5.19
CA SER A 183 2.86 0.69 -4.42
C SER A 183 1.62 1.31 -3.78
N GLY A 184 1.71 1.73 -2.51
CA GLY A 184 0.58 2.32 -1.84
C GLY A 184 -0.30 1.35 -1.07
N GLY A 185 -0.16 0.04 -1.38
CA GLY A 185 -1.00 -0.94 -0.71
C GLY A 185 -0.52 -1.30 0.68
N PRO A 186 -1.30 -2.14 1.32
CA PRO A 186 -1.04 -2.49 2.72
C PRO A 186 -0.14 -3.68 2.98
N LEU A 187 0.68 -3.57 4.05
CA LEU A 187 1.43 -4.66 4.65
C LEU A 187 0.77 -4.87 6.00
N VAL A 188 0.04 -6.01 6.17
CA VAL A 188 -0.76 -6.26 7.34
C VAL A 188 -0.14 -7.37 8.18
N CYS A 189 0.03 -7.15 9.46
CA CYS A 189 0.63 -8.16 10.33
C CYS A 189 -0.32 -8.36 11.49
N GLY A 190 -0.73 -9.61 11.70
CA GLY A 190 -1.66 -9.92 12.80
C GLY A 190 -2.93 -9.07 12.80
N GLY A 191 -3.48 -8.82 11.61
CA GLY A 191 -4.71 -8.09 11.42
C GLY A 191 -4.64 -6.57 11.58
N VAL A 192 -3.40 -6.02 11.71
CA VAL A 192 -3.18 -4.60 11.91
C VAL A 192 -2.28 -4.06 10.77
N LEU A 193 -2.65 -2.91 10.21
CA LEU A 193 -1.79 -2.31 9.20
C LEU A 193 -0.48 -1.87 9.83
N GLU A 194 0.64 -2.32 9.26
CA GLU A 194 1.97 -1.96 9.72
C GLU A 194 2.73 -1.12 8.72
N GLY A 195 2.55 -1.41 7.44
CA GLY A 195 3.32 -0.71 6.45
C GLY A 195 2.51 -0.39 5.21
N VAL A 196 3.07 0.51 4.40
CA VAL A 196 2.49 0.86 3.10
C VAL A 196 3.60 0.61 2.09
N VAL A 197 3.29 -0.15 1.01
CA VAL A 197 4.30 -0.45 0.01
C VAL A 197 4.89 0.86 -0.54
N THR A 198 6.24 0.97 -0.58
CA THR A 198 6.86 2.17 -1.16
C THR A 198 6.67 2.22 -2.69
N SER A 199 6.84 3.40 -3.27
CA SER A 199 6.52 3.55 -4.69
C SER A 199 7.72 3.88 -5.59
N GLY A 200 8.92 3.80 -5.03
CA GLY A 200 10.14 3.99 -5.80
C GLY A 200 10.47 2.74 -6.60
N SER A 201 11.04 2.92 -7.82
CA SER A 201 11.40 1.81 -8.69
C SER A 201 12.38 0.87 -7.97
N ARG A 202 12.15 -0.45 -8.08
CA ARG A 202 12.99 -1.47 -7.45
C ARG A 202 12.72 -2.77 -8.19
N VAL A 203 13.73 -3.67 -8.29
CA VAL A 203 13.54 -5.01 -8.84
C VAL A 203 12.62 -5.77 -7.92
N CYS A 204 11.81 -6.70 -8.47
CA CYS A 204 10.89 -7.54 -7.72
C CYS A 204 11.31 -8.99 -7.71
N GLY A 205 11.11 -9.65 -6.57
CA GLY A 205 11.34 -11.08 -6.42
C GLY A 205 12.80 -11.50 -6.40
N ASN A 206 13.72 -10.53 -6.21
CA ASN A 206 15.15 -10.80 -6.10
C ASN A 206 15.49 -10.69 -4.62
N ARG A 207 15.87 -11.83 -4.01
CA ARG A 207 16.20 -11.91 -2.57
C ARG A 207 17.23 -10.85 -2.13
N LYS A 208 18.10 -10.39 -3.05
CA LYS A 208 19.13 -9.41 -2.71
C LYS A 208 18.60 -7.97 -2.54
N LYS A 209 17.35 -7.71 -2.95
CA LYS A 209 16.77 -6.36 -2.86
C LYS A 209 15.40 -6.45 -2.20
N PRO A 210 15.40 -6.53 -0.84
CA PRO A 210 14.14 -6.69 -0.10
C PRO A 210 13.07 -5.66 -0.39
N GLY A 211 11.82 -6.04 -0.13
CA GLY A 211 10.71 -5.11 -0.27
C GLY A 211 10.84 -4.05 0.80
N ILE A 212 10.52 -2.79 0.45
CA ILE A 212 10.60 -1.66 1.40
C ILE A 212 9.18 -1.15 1.64
N TYR A 213 8.84 -0.92 2.91
CA TYR A 213 7.48 -0.50 3.30
C TYR A 213 7.60 0.62 4.29
N THR A 214 6.76 1.67 4.15
CA THR A 214 6.77 2.76 5.09
C THR A 214 6.03 2.36 6.35
N ARG A 215 6.67 2.57 7.52
CA ARG A 215 6.03 2.19 8.78
C ARG A 215 4.94 3.20 9.17
N VAL A 216 3.65 2.77 9.19
CA VAL A 216 2.59 3.74 9.48
C VAL A 216 2.71 4.28 10.90
N ALA A 217 3.22 3.48 11.86
CA ALA A 217 3.31 3.94 13.26
C ALA A 217 4.23 5.15 13.37
N SER A 218 5.21 5.24 12.47
N SER A 218 5.24 5.28 12.47
CA SER A 218 6.14 6.35 12.44
CA SER A 218 6.13 6.45 12.46
C SER A 218 5.49 7.66 11.96
C SER A 218 5.41 7.72 12.07
N TYR A 219 4.28 7.59 11.35
CA TYR A 219 3.54 8.73 10.82
C TYR A 219 2.20 8.92 11.45
N ALA A 220 1.98 8.34 12.64
CA ALA A 220 0.70 8.42 13.36
C ALA A 220 0.24 9.85 13.57
N ALA A 221 1.15 10.75 14.01
CA ALA A 221 0.78 12.15 14.23
C ALA A 221 0.42 12.88 12.94
N TRP A 222 1.11 12.57 11.84
CA TRP A 222 0.77 13.20 10.57
C TRP A 222 -0.62 12.72 10.08
N ILE A 223 -0.89 11.40 10.18
CA ILE A 223 -2.19 10.86 9.76
C ILE A 223 -3.29 11.58 10.56
N ASP A 224 -3.11 11.69 11.89
CA ASP A 224 -4.08 12.40 12.75
C ASP A 224 -4.28 13.84 12.39
N SER A 225 -3.19 14.54 12.05
N SER A 225 -3.18 14.55 12.05
CA SER A 225 -3.23 15.95 11.71
CA SER A 225 -3.21 15.98 11.70
C SER A 225 -4.04 16.20 10.45
C SER A 225 -3.98 16.25 10.42
N VAL A 226 -3.83 15.36 9.42
CA VAL A 226 -4.52 15.55 8.16
C VAL A 226 -6.01 15.32 8.31
N LEU A 227 -6.40 14.26 9.01
CA LEU A 227 -7.83 14.01 9.18
C LEU A 227 -8.49 15.13 10.01
N ALA A 228 -7.76 15.70 10.97
CA ALA A 228 -8.31 16.80 11.80
C ALA A 228 -8.31 18.13 11.04
C1 GOL B . 12.47 -4.04 9.97
O1 GOL B . 11.86 -4.58 8.81
C2 GOL B . 12.04 -4.79 11.21
O2 GOL B . 10.66 -4.52 11.50
C3 GOL B . 12.89 -4.37 12.40
O3 GOL B . 14.21 -4.90 12.25
C1 5WD C . 8.35 0.58 -11.23
C2 5WD C . 9.06 -0.64 -11.48
C3 5WD C . 9.21 -1.63 -10.48
C14 5WD C . 6.93 2.41 -12.17
C15 5WD C . 7.00 3.65 -13.05
C16 5WD C . 7.53 4.86 -12.55
C17 5WD C . 7.56 6.00 -13.36
C18 5WD C . 7.00 5.99 -14.64
C19 5WD C . 6.43 4.81 -15.14
C20 5WD C . 6.40 3.65 -14.33
C21 5WD C . 5.81 4.80 -16.53
C4 5WD C . 7.77 0.78 -9.97
C5 5WD C . 7.93 -0.21 -8.99
C6 5WD C . 8.62 -1.38 -9.21
N7 5WD C . 8.60 -2.13 -8.08
C8 5WD C . 7.91 -1.51 -7.12
C9 5WD C . 7.45 -0.34 -7.58
C10 5WD C . 7.61 -1.95 -5.75
N11 5WD C . 6.80 -1.25 -4.92
O12 5WD C . 8.11 -2.99 -5.37
O13 5WD C . 8.15 1.62 -12.18
O22 5WD C . 4.49 4.64 -16.66
O23 5WD C . 6.53 4.94 -17.51
#